data_5FHR
#
_entry.id   5FHR
#
_cell.length_a   61.700
_cell.length_b   79.370
_cell.length_c   109.660
_cell.angle_alpha   90.00
_cell.angle_beta   90.00
_cell.angle_gamma   90.00
#
_symmetry.space_group_name_H-M   'P 21 21 21'
#
loop_
_entity.id
_entity.type
_entity.pdbx_description
1 polymer 'Catechol O-methyltransferase'
2 non-polymer 3,5-DINITROCATECHOL
3 non-polymer 'MAGNESIUM ION'
4 non-polymer S-ADENOSYLMETHIONINE
5 non-polymer 'BROMIDE ION'
6 water water
#
_entity_poly.entity_id   1
_entity_poly.type   'polypeptide(L)'
_entity_poly.pdbx_seq_one_letter_code
;DTKEQRILRYVQQNAKPGDPQSVLEAIDTYCTQKEWAMNVGDAKGQIMDAVIREYSPSLVLELGAYCGYSAVRMARLLQP
GARLLTMEMNPDYAAITQQMLNFAGLQDKVTILNGASQDLIPQLKKKYDVDTLDMVFLDHWKDRYLPDTLLLEKCGLLRK
GTVLLADNVIVPGTPDFLAYVRGSSSFECTHYSSYLELMKVVDGLEKAIYQGP
;
_entity_poly.pdbx_strand_id   A,B
#
loop_
_chem_comp.id
_chem_comp.type
_chem_comp.name
_chem_comp.formula
BR non-polymer 'BROMIDE ION' 'Br -1'
DNC non-polymer 3,5-DINITROCATECHOL 'C6 H4 N2 O6'
MG non-polymer 'MAGNESIUM ION' 'Mg 2'
SAM non-polymer S-ADENOSYLMETHIONINE 'C15 H22 N6 O5 S'
#
# COMPACT_ATOMS: atom_id res chain seq x y z
N ASP A 1 -4.18 -13.85 -27.84
CA ASP A 1 -3.37 -14.20 -26.67
C ASP A 1 -4.23 -14.28 -25.40
N THR A 2 -3.65 -14.81 -24.33
CA THR A 2 -4.33 -14.91 -23.05
C THR A 2 -3.86 -13.83 -22.08
N LYS A 3 -4.58 -13.70 -20.96
CA LYS A 3 -4.19 -12.70 -19.97
C LYS A 3 -2.79 -12.97 -19.44
N GLU A 4 -2.49 -14.24 -19.22
CA GLU A 4 -1.19 -14.60 -18.65
C GLU A 4 -0.05 -14.33 -19.65
N GLN A 5 -0.29 -14.59 -20.93
CA GLN A 5 0.67 -14.17 -21.97
C GLN A 5 0.83 -12.64 -22.01
N ARG A 6 -0.24 -11.90 -21.79
CA ARG A 6 -0.14 -10.43 -21.79
C ARG A 6 0.64 -9.90 -20.55
N ILE A 7 0.46 -10.55 -19.40
CA ILE A 7 1.24 -10.16 -18.21
C ILE A 7 2.72 -10.40 -18.45
N LEU A 8 3.07 -11.57 -18.99
CA LEU A 8 4.49 -11.84 -19.27
C LEU A 8 5.07 -10.83 -20.26
N ARG A 9 4.31 -10.52 -21.31
CA ARG A 9 4.81 -9.56 -22.28
C ARG A 9 5.04 -8.19 -21.64
N TYR A 10 4.13 -7.79 -20.75
CA TYR A 10 4.30 -6.49 -20.08
C TYR A 10 5.57 -6.49 -19.24
N VAL A 11 5.82 -7.59 -18.53
CA VAL A 11 7.07 -7.71 -17.76
C VAL A 11 8.30 -7.64 -18.67
N GLN A 12 8.24 -8.31 -19.81
CA GLN A 12 9.42 -8.33 -20.70
C GLN A 12 9.70 -6.96 -21.27
N GLN A 13 8.65 -6.19 -21.49
CA GLN A 13 8.83 -4.83 -21.97
C GLN A 13 9.35 -3.87 -20.87
N ASN A 14 8.85 -4.00 -19.65
CA ASN A 14 9.06 -2.92 -18.67
C ASN A 14 9.98 -3.22 -17.49
N ALA A 15 10.18 -4.49 -17.20
CA ALA A 15 11.08 -4.87 -16.12
C ALA A 15 12.50 -5.05 -16.67
N LYS A 16 13.43 -5.27 -15.74
CA LYS A 16 14.85 -5.48 -16.03
C LYS A 16 15.24 -6.95 -15.82
N PRO A 17 15.78 -7.63 -16.86
CA PRO A 17 16.19 -9.03 -16.63
C PRO A 17 17.17 -9.14 -15.47
N GLY A 18 16.97 -10.14 -14.61
CA GLY A 18 17.85 -10.35 -13.49
C GLY A 18 17.54 -9.49 -12.27
N ASP A 19 16.46 -8.71 -12.33
CA ASP A 19 16.06 -7.82 -11.23
C ASP A 19 14.67 -8.20 -10.72
N PRO A 20 14.59 -9.12 -9.74
CA PRO A 20 13.29 -9.61 -9.25
C PRO A 20 12.37 -8.50 -8.75
N GLN A 21 12.94 -7.49 -8.11
CA GLN A 21 12.13 -6.36 -7.66
C GLN A 21 11.38 -5.69 -8.81
N SER A 22 12.05 -5.50 -9.95
CA SER A 22 11.43 -4.81 -11.09
C SER A 22 10.32 -5.66 -11.69
N VAL A 23 10.48 -6.97 -11.60
CA VAL A 23 9.48 -7.90 -12.11
C VAL A 23 8.20 -7.81 -11.26
N LEU A 24 8.34 -7.88 -9.94
CA LEU A 24 7.20 -7.69 -9.04
C LEU A 24 6.50 -6.37 -9.29
N GLU A 25 7.27 -5.29 -9.41
CA GLU A 25 6.67 -3.97 -9.61
C GLU A 25 5.90 -3.89 -10.94
N ALA A 26 6.43 -4.54 -11.99
CA ALA A 26 5.74 -4.54 -13.29
C ALA A 26 4.43 -5.35 -13.24
N ILE A 27 4.45 -6.48 -12.57
CA ILE A 27 3.22 -7.27 -12.45
C ILE A 27 2.22 -6.50 -11.59
N ASP A 28 2.69 -5.86 -10.51
CA ASP A 28 1.80 -5.05 -9.66
C ASP A 28 1.07 -3.99 -10.48
N THR A 29 1.84 -3.28 -11.30
CA THR A 29 1.29 -2.21 -12.12
C THR A 29 0.28 -2.75 -13.14
N TYR A 30 0.66 -3.79 -13.85
CA TYR A 30 -0.23 -4.34 -14.86
C TYR A 30 -1.53 -4.83 -14.23
N CYS A 31 -1.41 -5.50 -13.08
CA CYS A 31 -2.59 -6.15 -12.53
C CYS A 31 -3.45 -5.25 -11.63
N THR A 32 -3.04 -4.00 -11.46
CA THR A 32 -3.90 -3.05 -10.76
C THR A 32 -4.35 -1.92 -11.69
N GLN A 33 -3.68 -1.76 -12.84
CA GLN A 33 -4.08 -0.72 -13.82
C GLN A 33 -4.70 -1.26 -15.11
N LYS A 34 -4.35 -2.49 -15.50
CA LYS A 34 -4.78 -2.99 -16.80
C LYS A 34 -5.74 -4.18 -16.71
N GLU A 35 -5.33 -5.27 -16.06
CA GLU A 35 -6.20 -6.42 -15.91
C GLU A 35 -5.97 -7.07 -14.56
N TRP A 36 -7.04 -7.21 -13.76
CA TRP A 36 -6.92 -7.91 -12.48
C TRP A 36 -6.45 -9.35 -12.71
N ALA A 37 -5.62 -9.85 -11.79
CA ALA A 37 -5.24 -11.26 -11.82
C ALA A 37 -5.00 -11.79 -10.39
N MET A 38 -5.12 -13.11 -10.21
CA MET A 38 -5.16 -13.71 -8.87
C MET A 38 -3.80 -13.92 -8.20
N ASN A 39 -2.85 -13.01 -8.44
CA ASN A 39 -1.61 -13.02 -7.66
C ASN A 39 -1.88 -12.69 -6.20
N VAL A 40 -0.98 -13.10 -5.32
CA VAL A 40 -1.17 -12.81 -3.89
C VAL A 40 -1.16 -11.29 -3.65
N GLY A 41 -0.40 -10.59 -4.48
CA GLY A 41 -0.49 -9.13 -4.45
C GLY A 41 0.51 -8.49 -3.51
N ASP A 42 0.67 -7.18 -3.60
CA ASP A 42 1.71 -6.50 -2.82
C ASP A 42 1.42 -6.47 -1.32
N ALA A 43 0.18 -6.26 -0.93
CA ALA A 43 -0.14 -6.09 0.50
C ALA A 43 0.13 -7.38 1.26
N LYS A 44 -0.46 -8.45 0.76
CA LYS A 44 -0.21 -9.73 1.40
C LYS A 44 1.21 -10.21 1.13
N GLY A 45 1.79 -9.79 0.00
CA GLY A 45 3.17 -10.11 -0.33
C GLY A 45 4.17 -9.63 0.70
N GLN A 46 3.92 -8.46 1.29
CA GLN A 46 4.79 -7.95 2.37
C GLN A 46 4.79 -8.86 3.56
N ILE A 47 3.63 -9.43 3.87
CA ILE A 47 3.51 -10.35 4.98
C ILE A 47 4.26 -11.66 4.68
N MET A 48 4.06 -12.17 3.48
CA MET A 48 4.84 -13.33 3.00
C MET A 48 6.35 -13.06 3.13
N ASP A 49 6.78 -11.87 2.69
CA ASP A 49 8.20 -11.53 2.76
C ASP A 49 8.68 -11.65 4.20
N ALA A 50 7.88 -11.14 5.13
CA ALA A 50 8.27 -11.13 6.55
C ALA A 50 8.37 -12.55 7.10
N VAL A 51 7.47 -13.42 6.67
CA VAL A 51 7.52 -14.81 7.13
C VAL A 51 8.78 -15.50 6.59
N ILE A 52 9.14 -15.25 5.33
CA ILE A 52 10.35 -15.84 4.75
C ILE A 52 11.60 -15.36 5.51
N ARG A 53 11.64 -14.07 5.82
CA ARG A 53 12.82 -13.52 6.48
C ARG A 53 12.92 -14.08 7.89
N GLU A 54 11.79 -14.23 8.57
CA GLU A 54 11.80 -14.68 9.96
C GLU A 54 12.27 -16.13 10.07
N TYR A 55 11.81 -17.00 9.19
CA TYR A 55 12.06 -18.45 9.38
C TYR A 55 13.21 -18.98 8.54
N SER A 56 13.70 -18.18 7.60
CA SER A 56 14.81 -18.56 6.69
C SER A 56 14.76 -20.01 6.23
N PRO A 57 13.64 -20.42 5.59
CA PRO A 57 13.50 -21.83 5.25
C PRO A 57 14.47 -22.32 4.18
N SER A 58 15.00 -23.53 4.34
CA SER A 58 15.88 -24.09 3.31
C SER A 58 15.11 -24.78 2.18
N LEU A 59 13.92 -25.29 2.47
CA LEU A 59 13.11 -25.94 1.45
C LEU A 59 11.65 -25.54 1.59
N VAL A 60 11.11 -24.88 0.56
CA VAL A 60 9.75 -24.35 0.58
C VAL A 60 8.95 -25.08 -0.48
N LEU A 61 7.70 -25.42 -0.16
CA LEU A 61 6.75 -25.95 -1.15
C LEU A 61 5.65 -24.94 -1.40
N GLU A 62 5.44 -24.57 -2.67
CA GLU A 62 4.28 -23.73 -3.03
C GLU A 62 3.22 -24.57 -3.75
N LEU A 63 1.97 -24.45 -3.31
CA LEU A 63 0.84 -25.06 -4.03
C LEU A 63 0.09 -23.97 -4.82
N GLY A 64 0.24 -23.99 -6.16
CA GLY A 64 -0.37 -22.97 -7.01
C GLY A 64 0.62 -21.90 -7.44
N ALA A 65 1.17 -22.05 -8.64
CA ALA A 65 2.16 -21.10 -9.16
C ALA A 65 1.58 -19.92 -9.95
N TYR A 66 0.55 -20.19 -10.74
CA TYR A 66 -0.03 -19.25 -11.71
C TYR A 66 1.03 -18.67 -12.65
N CYS A 67 1.37 -17.40 -12.52
CA CYS A 67 2.37 -16.78 -13.42
C CYS A 67 3.73 -16.59 -12.78
N GLY A 68 3.90 -17.05 -11.55
CA GLY A 68 5.18 -16.97 -10.89
C GLY A 68 5.39 -15.80 -9.96
N TYR A 69 4.38 -14.96 -9.75
CA TYR A 69 4.56 -13.78 -8.89
C TYR A 69 5.01 -14.17 -7.48
N SER A 70 4.26 -15.06 -6.80
CA SER A 70 4.68 -15.44 -5.45
C SER A 70 6.00 -16.23 -5.43
N ALA A 71 6.26 -17.02 -6.47
CA ALA A 71 7.54 -17.72 -6.54
C ALA A 71 8.69 -16.71 -6.62
N VAL A 72 8.53 -15.67 -7.44
CA VAL A 72 9.53 -14.60 -7.50
C VAL A 72 9.66 -13.91 -6.13
N ARG A 73 8.53 -13.61 -5.47
CA ARG A 73 8.61 -12.99 -4.13
C ARG A 73 9.45 -13.84 -3.19
N MET A 74 9.17 -15.13 -3.12
CA MET A 74 9.82 -15.97 -2.12
C MET A 74 11.26 -16.27 -2.51
N ALA A 75 11.49 -16.63 -3.76
CA ALA A 75 12.82 -17.06 -4.19
C ALA A 75 13.85 -15.93 -4.06
N ARG A 76 13.42 -14.68 -4.24
CA ARG A 76 14.37 -13.56 -4.16
C ARG A 76 14.86 -13.34 -2.72
N LEU A 77 14.17 -13.92 -1.74
CA LEU A 77 14.56 -13.76 -0.33
C LEU A 77 15.18 -15.01 0.27
N LEU A 78 15.28 -16.08 -0.50
CA LEU A 78 15.90 -17.30 0.01
C LEU A 78 17.41 -17.16 0.15
N GLN A 79 17.97 -17.80 1.18
CA GLN A 79 19.42 -17.82 1.38
C GLN A 79 20.10 -18.64 0.29
N PRO A 80 21.41 -18.43 0.07
CA PRO A 80 22.08 -19.22 -0.96
C PRO A 80 21.95 -20.71 -0.69
N GLY A 81 21.62 -21.49 -1.71
CA GLY A 81 21.44 -22.92 -1.55
C GLY A 81 20.06 -23.36 -1.11
N ALA A 82 19.21 -22.41 -0.68
CA ALA A 82 17.83 -22.71 -0.32
C ALA A 82 17.03 -22.89 -1.62
N ARG A 83 15.92 -23.62 -1.54
CA ARG A 83 15.17 -24.04 -2.73
C ARG A 83 13.68 -23.86 -2.56
N LEU A 84 13.00 -23.56 -3.67
CA LEU A 84 11.54 -23.57 -3.74
C LEU A 84 11.06 -24.60 -4.73
N LEU A 85 10.11 -25.44 -4.33
CA LEU A 85 9.40 -26.33 -5.27
C LEU A 85 8.00 -25.77 -5.45
N THR A 86 7.50 -25.63 -6.67
CA THR A 86 6.13 -25.11 -6.83
C THR A 86 5.33 -26.03 -7.73
N MET A 87 4.13 -26.40 -7.26
CA MET A 87 3.27 -27.30 -8.00
C MET A 87 2.19 -26.52 -8.75
N GLU A 88 1.98 -26.86 -10.03
CA GLU A 88 1.03 -26.15 -10.87
C GLU A 88 0.44 -27.13 -11.86
N MET A 89 -0.89 -27.29 -11.85
CA MET A 89 -1.53 -28.30 -12.73
C MET A 89 -1.98 -27.75 -14.10
N ASN A 90 -2.02 -26.43 -14.28
CA ASN A 90 -2.35 -25.84 -15.56
C ASN A 90 -1.04 -25.66 -16.36
N PRO A 91 -0.84 -26.44 -17.44
CA PRO A 91 0.50 -26.41 -18.07
C PRO A 91 0.81 -25.07 -18.74
N ASP A 92 -0.19 -24.36 -19.20
CA ASP A 92 0.07 -23.05 -19.81
C ASP A 92 0.51 -22.06 -18.76
N TYR A 93 -0.06 -22.15 -17.55
CA TYR A 93 0.41 -21.31 -16.43
C TYR A 93 1.85 -21.67 -16.06
N ALA A 94 2.17 -22.96 -15.99
CA ALA A 94 3.52 -23.39 -15.67
C ALA A 94 4.50 -22.89 -16.70
N ALA A 95 4.10 -22.85 -17.96
CA ALA A 95 4.99 -22.34 -19.03
C ALA A 95 5.26 -20.86 -18.81
N ILE A 96 4.26 -20.10 -18.40
CA ILE A 96 4.52 -18.69 -18.10
C ILE A 96 5.44 -18.53 -16.88
N THR A 97 5.17 -19.30 -15.84
CA THR A 97 5.96 -19.26 -14.63
C THR A 97 7.43 -19.50 -14.95
N GLN A 98 7.70 -20.48 -15.81
CA GLN A 98 9.09 -20.79 -16.11
C GLN A 98 9.75 -19.59 -16.78
N GLN A 99 9.04 -19.00 -17.73
CA GLN A 99 9.59 -17.82 -18.41
C GLN A 99 9.78 -16.65 -17.46
N MET A 100 8.86 -16.49 -16.51
CA MET A 100 8.95 -15.41 -15.53
C MET A 100 10.17 -15.60 -14.63
N LEU A 101 10.40 -16.83 -14.20
CA LEU A 101 11.57 -17.16 -13.37
C LEU A 101 12.87 -16.94 -14.15
N ASN A 102 12.89 -17.36 -15.42
CA ASN A 102 14.08 -17.18 -16.26
C ASN A 102 14.41 -15.68 -16.41
N PHE A 103 13.39 -14.89 -16.72
CA PHE A 103 13.56 -13.44 -16.83
C PHE A 103 14.10 -12.84 -15.51
N ALA A 104 13.53 -13.24 -14.38
CA ALA A 104 13.94 -12.71 -13.09
C ALA A 104 15.33 -13.18 -12.66
N GLY A 105 15.82 -14.24 -13.27
CA GLY A 105 17.12 -14.80 -12.94
C GLY A 105 17.11 -15.68 -11.69
N LEU A 106 15.93 -16.21 -11.37
CA LEU A 106 15.73 -17.05 -10.17
C LEU A 106 15.50 -18.52 -10.52
N GLN A 107 15.72 -18.91 -11.77
CA GLN A 107 15.38 -20.27 -12.17
C GLN A 107 16.23 -21.35 -11.49
N ASP A 108 17.44 -21.00 -11.04
CA ASP A 108 18.29 -21.95 -10.34
C ASP A 108 17.87 -22.21 -8.88
N LYS A 109 16.93 -21.43 -8.35
CA LYS A 109 16.43 -21.66 -6.99
C LYS A 109 15.04 -22.27 -6.95
N VAL A 110 14.36 -22.31 -8.09
CA VAL A 110 12.98 -22.78 -8.16
C VAL A 110 12.85 -23.99 -9.10
N THR A 111 12.08 -24.98 -8.68
CA THR A 111 11.75 -26.10 -9.54
C THR A 111 10.23 -26.16 -9.70
N ILE A 112 9.76 -26.12 -10.95
CA ILE A 112 8.34 -26.27 -11.21
C ILE A 112 7.98 -27.73 -11.35
N LEU A 113 6.97 -28.15 -10.59
CA LEU A 113 6.45 -29.51 -10.66
CA LEU A 113 6.47 -29.52 -10.67
C LEU A 113 5.15 -29.49 -11.42
N ASN A 114 5.11 -30.15 -12.56
CA ASN A 114 3.93 -30.14 -13.42
C ASN A 114 2.90 -31.19 -13.04
N GLY A 115 1.74 -30.74 -12.58
CA GLY A 115 0.68 -31.67 -12.23
C GLY A 115 -0.10 -31.19 -11.03
N ALA A 116 -1.04 -32.01 -10.55
CA ALA A 116 -1.86 -31.65 -9.41
C ALA A 116 -1.22 -32.10 -8.11
N SER A 117 -1.37 -31.27 -7.08
CA SER A 117 -0.79 -31.51 -5.77
C SER A 117 -1.17 -32.90 -5.23
N GLN A 118 -2.41 -33.34 -5.47
CA GLN A 118 -2.82 -34.64 -4.89
C GLN A 118 -2.02 -35.78 -5.52
N ASP A 119 -1.51 -35.56 -6.73
CA ASP A 119 -0.71 -36.56 -7.44
C ASP A 119 0.78 -36.41 -7.15
N LEU A 120 1.24 -35.18 -6.95
CA LEU A 120 2.67 -34.93 -6.82
C LEU A 120 3.16 -35.02 -5.38
N ILE A 121 2.34 -34.61 -4.42
CA ILE A 121 2.79 -34.67 -3.00
C ILE A 121 3.28 -36.07 -2.60
N PRO A 122 2.55 -37.14 -2.97
CA PRO A 122 3.05 -38.48 -2.62
C PRO A 122 4.35 -38.88 -3.31
N GLN A 123 4.83 -38.09 -4.28
CA GLN A 123 6.09 -38.38 -4.98
C GLN A 123 7.29 -37.64 -4.44
N LEU A 124 7.06 -36.70 -3.53
CA LEU A 124 8.14 -35.84 -3.09
C LEU A 124 9.29 -36.61 -2.42
N LYS A 125 8.98 -37.59 -1.60
CA LYS A 125 10.07 -38.32 -0.94
C LYS A 125 10.86 -39.18 -1.92
N LYS A 126 10.16 -39.97 -2.74
CA LYS A 126 10.81 -40.94 -3.62
C LYS A 126 11.44 -40.30 -4.85
N LYS A 127 10.67 -39.49 -5.55
CA LYS A 127 11.15 -38.92 -6.80
C LYS A 127 11.99 -37.64 -6.63
N TYR A 128 11.70 -36.84 -5.61
CA TYR A 128 12.36 -35.54 -5.46
C TYR A 128 13.31 -35.51 -4.25
N ASP A 129 13.42 -36.65 -3.58
CA ASP A 129 14.39 -36.83 -2.48
C ASP A 129 14.18 -35.86 -1.32
N VAL A 130 12.93 -35.47 -1.09
CA VAL A 130 12.58 -34.63 0.06
C VAL A 130 12.49 -35.45 1.33
N ASP A 131 13.06 -34.94 2.42
CA ASP A 131 12.85 -35.55 3.72
C ASP A 131 11.66 -34.85 4.37
N THR A 132 11.86 -33.64 4.88
CA THR A 132 10.71 -32.84 5.33
C THR A 132 10.80 -31.44 4.75
N LEU A 133 9.68 -30.74 4.79
CA LEU A 133 9.60 -29.37 4.28
C LEU A 133 9.74 -28.38 5.42
N ASP A 134 10.35 -27.22 5.15
CA ASP A 134 10.49 -26.19 6.17
C ASP A 134 9.29 -25.23 6.15
N MET A 135 8.70 -25.07 4.97
CA MET A 135 7.58 -24.13 4.82
C MET A 135 6.72 -24.57 3.64
N VAL A 136 5.42 -24.32 3.75
CA VAL A 136 4.47 -24.61 2.67
C VAL A 136 3.61 -23.37 2.47
N PHE A 137 3.51 -22.86 1.24
CA PHE A 137 2.59 -21.77 0.91
C PHE A 137 1.40 -22.34 0.17
N LEU A 138 0.22 -22.22 0.76
CA LEU A 138 -1.00 -22.76 0.15
C LEU A 138 -1.74 -21.64 -0.57
N ASP A 139 -1.93 -21.76 -1.88
CA ASP A 139 -2.63 -20.72 -2.63
C ASP A 139 -3.28 -21.30 -3.87
N HIS A 140 -3.75 -22.54 -3.78
CA HIS A 140 -4.36 -23.16 -4.95
C HIS A 140 -5.90 -23.14 -4.81
N TRP A 141 -6.64 -24.10 -5.39
CA TRP A 141 -8.09 -23.99 -5.22
C TRP A 141 -8.44 -24.26 -3.77
N LYS A 142 -9.32 -23.42 -3.21
CA LYS A 142 -9.47 -23.33 -1.75
C LYS A 142 -10.02 -24.61 -1.14
N ASP A 143 -10.77 -25.37 -1.92
CA ASP A 143 -11.29 -26.64 -1.41
C ASP A 143 -10.20 -27.72 -1.27
N ARG A 144 -8.98 -27.42 -1.68
CA ARG A 144 -7.91 -28.40 -1.54
C ARG A 144 -6.97 -28.11 -0.36
N TYR A 145 -7.15 -26.98 0.34
CA TYR A 145 -6.21 -26.65 1.42
C TYR A 145 -6.23 -27.74 2.50
N LEU A 146 -7.43 -28.11 2.95
CA LEU A 146 -7.50 -29.10 4.01
C LEU A 146 -7.07 -30.50 3.55
N PRO A 147 -7.60 -31.01 2.41
CA PRO A 147 -7.13 -32.33 1.98
C PRO A 147 -5.62 -32.42 1.76
N ASP A 148 -5.02 -31.37 1.23
CA ASP A 148 -3.58 -31.42 0.99
C ASP A 148 -2.77 -31.29 2.29
N THR A 149 -3.31 -30.57 3.26
CA THR A 149 -2.64 -30.47 4.57
C THR A 149 -2.61 -31.86 5.18
N LEU A 150 -3.74 -32.55 5.12
CA LEU A 150 -3.82 -33.90 5.69
C LEU A 150 -2.92 -34.88 4.91
N LEU A 151 -2.82 -34.69 3.59
CA LEU A 151 -1.94 -35.53 2.78
C LEU A 151 -0.46 -35.32 3.13
N LEU A 152 -0.07 -34.05 3.30
CA LEU A 152 1.30 -33.75 3.72
C LEU A 152 1.62 -34.41 5.06
N GLU A 153 0.66 -34.38 5.98
CA GLU A 153 0.84 -35.02 7.29
C GLU A 153 1.00 -36.54 7.14
N LYS A 154 0.09 -37.17 6.39
CA LYS A 154 0.09 -38.62 6.20
C LYS A 154 1.37 -39.12 5.53
N CYS A 155 1.89 -38.31 4.61
CA CYS A 155 3.09 -38.68 3.87
C CYS A 155 4.39 -38.41 4.64
N GLY A 156 4.29 -37.82 5.83
CA GLY A 156 5.46 -37.58 6.68
C GLY A 156 6.34 -36.42 6.22
N LEU A 157 5.73 -35.47 5.53
CA LEU A 157 6.48 -34.35 4.96
C LEU A 157 6.56 -33.14 5.88
N LEU A 158 5.82 -33.15 6.98
CA LEU A 158 5.89 -32.02 7.94
C LEU A 158 6.71 -32.40 9.17
N ARG A 159 7.36 -31.43 9.78
CA ARG A 159 8.01 -31.69 11.05
C ARG A 159 7.66 -30.60 12.03
N LYS A 160 8.03 -30.78 13.30
CA LYS A 160 7.79 -29.75 14.29
C LYS A 160 8.50 -28.50 13.84
N GLY A 161 7.74 -27.41 13.70
CA GLY A 161 8.31 -26.16 13.26
C GLY A 161 8.02 -25.85 11.81
N THR A 162 7.53 -26.82 11.04
CA THR A 162 7.19 -26.54 9.63
C THR A 162 6.11 -25.45 9.60
N VAL A 163 6.33 -24.42 8.77
CA VAL A 163 5.40 -23.29 8.70
C VAL A 163 4.46 -23.46 7.51
N LEU A 164 3.16 -23.54 7.77
CA LEU A 164 2.19 -23.45 6.69
C LEU A 164 1.74 -22.00 6.63
N LEU A 165 1.68 -21.44 5.43
CA LEU A 165 1.17 -20.08 5.26
C LEU A 165 0.07 -20.14 4.20
N ALA A 166 -1.15 -19.79 4.57
CA ALA A 166 -2.30 -20.02 3.69
C ALA A 166 -2.92 -18.71 3.24
N ASP A 167 -3.02 -18.50 1.93
CA ASP A 167 -3.65 -17.28 1.39
C ASP A 167 -5.16 -17.42 1.40
N ASN A 168 -5.87 -16.30 1.43
CA ASN A 168 -7.31 -16.27 1.16
C ASN A 168 -8.18 -16.96 2.19
N VAL A 169 -7.78 -16.94 3.46
CA VAL A 169 -8.59 -17.65 4.42
C VAL A 169 -9.86 -16.89 4.75
N ILE A 170 -9.97 -15.62 4.31
CA ILE A 170 -11.22 -14.87 4.48
C ILE A 170 -11.99 -14.75 3.16
N VAL A 171 -11.31 -14.29 2.11
CA VAL A 171 -11.89 -14.18 0.76
C VAL A 171 -10.94 -14.77 -0.28
N PRO A 172 -11.38 -15.75 -1.09
CA PRO A 172 -12.72 -16.38 -1.12
C PRO A 172 -13.06 -17.16 0.15
N GLY A 173 -12.09 -17.46 1.01
CA GLY A 173 -12.35 -18.14 2.27
C GLY A 173 -11.98 -19.62 2.25
N THR A 174 -11.53 -20.12 3.40
CA THR A 174 -11.20 -21.55 3.55
C THR A 174 -11.69 -22.03 4.93
N PRO A 175 -13.02 -22.04 5.12
CA PRO A 175 -13.47 -22.23 6.50
C PRO A 175 -13.14 -23.62 7.10
N ASP A 176 -13.20 -24.68 6.30
CA ASP A 176 -12.85 -26.01 6.83
C ASP A 176 -11.38 -26.11 7.22
N PHE A 177 -10.49 -25.61 6.36
CA PHE A 177 -9.09 -25.55 6.71
C PHE A 177 -8.84 -24.75 8.00
N LEU A 178 -9.42 -23.54 8.08
CA LEU A 178 -9.22 -22.72 9.27
C LEU A 178 -9.72 -23.40 10.54
N ALA A 179 -10.90 -23.97 10.47
CA ALA A 179 -11.44 -24.70 11.63
C ALA A 179 -10.50 -25.82 12.06
N TYR A 180 -9.90 -26.50 11.08
CA TYR A 180 -9.05 -27.64 11.40
C TYR A 180 -7.76 -27.20 12.09
N VAL A 181 -7.02 -26.27 11.48
CA VAL A 181 -5.72 -25.93 12.03
C VAL A 181 -5.88 -25.15 13.35
N ARG A 182 -6.91 -24.32 13.45
CA ARG A 182 -7.12 -23.56 14.70
C ARG A 182 -7.56 -24.48 15.84
N GLY A 183 -8.39 -25.47 15.53
CA GLY A 183 -8.90 -26.38 16.55
C GLY A 183 -7.95 -27.51 16.92
N SER A 184 -6.98 -27.78 16.06
CA SER A 184 -6.07 -28.92 16.30
C SER A 184 -4.84 -28.55 17.13
N SER A 185 -4.49 -29.40 18.09
CA SER A 185 -3.29 -29.16 18.87
C SER A 185 -2.02 -29.40 18.04
N SER A 186 -2.18 -29.94 16.83
CA SER A 186 -1.05 -30.17 15.92
C SER A 186 -0.58 -28.88 15.23
N PHE A 187 -1.33 -27.79 15.38
CA PHE A 187 -0.96 -26.51 14.74
C PHE A 187 -1.09 -25.34 15.70
N GLU A 188 -0.07 -24.47 15.71
CA GLU A 188 -0.16 -23.19 16.43
C GLU A 188 -0.37 -22.08 15.38
N CYS A 189 -1.48 -21.37 15.50
CA CYS A 189 -1.93 -20.44 14.44
C CYS A 189 -1.85 -18.97 14.80
N THR A 190 -1.50 -18.17 13.80
CA THR A 190 -1.45 -16.73 13.87
C THR A 190 -2.14 -16.17 12.63
N HIS A 191 -3.07 -15.25 12.81
CA HIS A 191 -3.76 -14.66 11.67
C HIS A 191 -3.15 -13.32 11.31
N TYR A 192 -2.92 -13.09 10.01
CA TYR A 192 -2.41 -11.80 9.54
C TYR A 192 -3.42 -11.13 8.62
N SER A 193 -4.13 -10.14 9.14
CA SER A 193 -5.17 -9.47 8.37
C SER A 193 -4.54 -8.51 7.36
N SER A 194 -5.15 -8.41 6.18
CA SER A 194 -4.60 -7.62 5.10
C SER A 194 -5.72 -7.33 4.09
N TYR A 195 -5.39 -7.21 2.81
CA TYR A 195 -6.37 -6.84 1.79
C TYR A 195 -6.09 -7.53 0.48
N LEU A 196 -7.13 -7.76 -0.33
CA LEU A 196 -6.93 -8.11 -1.74
C LEU A 196 -6.30 -6.95 -2.51
N GLU A 197 -5.75 -7.27 -3.67
CA GLU A 197 -5.18 -6.26 -4.56
C GLU A 197 -6.17 -6.03 -5.71
N LEU A 198 -7.05 -5.03 -5.57
CA LEU A 198 -8.05 -4.78 -6.62
C LEU A 198 -7.55 -3.69 -7.57
N MET A 199 -8.39 -3.32 -8.55
CA MET A 199 -7.98 -2.32 -9.52
C MET A 199 -7.91 -0.94 -8.88
N LYS A 200 -6.95 -0.14 -9.34
CA LYS A 200 -6.75 1.19 -8.76
C LYS A 200 -6.92 2.30 -9.79
N VAL A 201 -7.09 3.53 -9.30
CA VAL A 201 -7.13 4.72 -10.14
C VAL A 201 -5.90 5.58 -9.91
N VAL A 202 -5.19 5.85 -11.01
CA VAL A 202 -3.95 6.63 -10.95
C VAL A 202 -4.28 8.09 -10.66
N ASP A 203 -3.55 8.68 -9.73
CA ASP A 203 -3.61 10.14 -9.51
C ASP A 203 -2.19 10.55 -9.18
N GLY A 204 -1.94 11.84 -9.01
CA GLY A 204 -0.58 12.25 -8.73
C GLY A 204 -0.56 13.57 -8.01
N LEU A 205 0.56 13.87 -7.38
CA LEU A 205 0.79 15.18 -6.79
C LEU A 205 1.76 15.92 -7.68
N GLU A 206 1.63 17.23 -7.75
CA GLU A 206 2.65 18.03 -8.41
C GLU A 206 3.38 18.88 -7.39
N LYS A 207 4.70 18.82 -7.43
CA LYS A 207 5.52 19.69 -6.59
C LYS A 207 6.00 20.82 -7.49
N ALA A 208 5.72 22.07 -7.10
CA ALA A 208 6.08 23.25 -7.91
C ALA A 208 6.86 24.22 -7.02
N ILE A 209 8.15 24.40 -7.27
CA ILE A 209 8.96 25.23 -6.39
C ILE A 209 9.12 26.64 -6.97
N TYR A 210 8.70 27.65 -6.21
CA TYR A 210 8.68 29.02 -6.71
C TYR A 210 10.11 29.52 -6.91
N GLN A 211 10.35 30.16 -8.06
CA GLN A 211 11.71 30.62 -8.39
C GLN A 211 11.87 32.11 -8.25
N GLY A 212 10.79 32.83 -7.96
CA GLY A 212 10.83 34.28 -7.98
C GLY A 212 10.07 34.73 -9.20
N PRO A 213 9.71 36.02 -9.24
CA PRO A 213 8.98 36.55 -10.40
C PRO A 213 9.82 36.49 -11.67
N ASP B 1 -26.52 11.22 12.08
CA ASP B 1 -25.20 11.85 12.12
C ASP B 1 -24.64 11.97 10.70
N THR B 2 -23.46 12.57 10.59
CA THR B 2 -22.83 12.79 9.30
C THR B 2 -21.65 11.84 9.13
N LYS B 3 -21.18 11.71 7.90
CA LYS B 3 -20.03 10.84 7.63
C LYS B 3 -18.83 11.29 8.45
N GLU B 4 -18.63 12.60 8.55
CA GLU B 4 -17.45 13.08 9.24
C GLU B 4 -17.56 12.85 10.76
N GLN B 5 -18.77 12.97 11.30
CA GLN B 5 -18.99 12.59 12.69
C GLN B 5 -18.70 11.13 12.93
N ARG B 6 -19.05 10.28 11.96
CA ARG B 6 -18.83 8.83 12.11
C ARG B 6 -17.32 8.52 12.04
N ILE B 7 -16.60 9.23 11.16
CA ILE B 7 -15.15 9.04 11.07
C ILE B 7 -14.50 9.43 12.41
N LEU B 8 -14.86 10.61 12.92
CA LEU B 8 -14.27 11.10 14.16
C LEU B 8 -14.60 10.14 15.31
N ARG B 9 -15.83 9.65 15.37
CA ARG B 9 -16.18 8.70 16.43
C ARG B 9 -15.37 7.40 16.33
N TYR B 10 -15.18 6.90 15.11
CA TYR B 10 -14.37 5.69 14.91
C TYR B 10 -12.93 5.89 15.40
N VAL B 11 -12.34 7.05 15.10
CA VAL B 11 -11.03 7.37 15.63
C VAL B 11 -11.00 7.38 17.17
N GLN B 12 -11.95 8.11 17.77
CA GLN B 12 -12.01 8.24 19.25
C GLN B 12 -12.19 6.86 19.88
N GLN B 13 -12.90 6.00 19.17
CA GLN B 13 -13.19 4.66 19.65
C GLN B 13 -11.97 3.72 19.56
N ASN B 14 -11.19 3.83 18.48
CA ASN B 14 -10.18 2.81 18.15
C ASN B 14 -8.71 3.26 18.15
N ALA B 15 -8.44 4.55 17.98
CA ALA B 15 -7.08 5.04 18.00
C ALA B 15 -6.66 5.33 19.44
N LYS B 16 -5.35 5.50 19.64
CA LYS B 16 -4.80 5.82 20.96
C LYS B 16 -4.70 7.33 21.13
N PRO B 17 -5.25 7.89 22.21
CA PRO B 17 -5.15 9.35 22.43
C PRO B 17 -3.69 9.80 22.45
N GLY B 18 -3.38 10.88 21.76
CA GLY B 18 -2.02 11.40 21.74
C GLY B 18 -1.08 10.71 20.76
N ASP B 19 -1.59 9.82 19.92
CA ASP B 19 -0.76 9.03 19.02
C ASP B 19 -1.16 9.27 17.57
N PRO B 20 -0.50 10.23 16.89
CA PRO B 20 -0.90 10.59 15.52
C PRO B 20 -0.91 9.41 14.53
N GLN B 21 0.08 8.52 14.63
CA GLN B 21 0.14 7.35 13.76
C GLN B 21 -1.12 6.50 13.90
N SER B 22 -1.59 6.30 15.12
CA SER B 22 -2.77 5.47 15.36
C SER B 22 -4.01 6.16 14.80
N VAL B 23 -4.05 7.48 14.89
CA VAL B 23 -5.16 8.25 14.30
C VAL B 23 -5.18 8.06 12.79
N LEU B 24 -4.03 8.19 12.11
CA LEU B 24 -4.00 8.00 10.66
C LEU B 24 -4.46 6.60 10.28
N GLU B 25 -3.99 5.59 11.02
CA GLU B 25 -4.36 4.22 10.71
C GLU B 25 -5.84 3.99 10.90
N ALA B 26 -6.44 4.60 11.92
CA ALA B 26 -7.89 4.43 12.14
C ALA B 26 -8.69 5.07 11.00
N ILE B 27 -8.28 6.27 10.57
CA ILE B 27 -8.97 6.90 9.44
C ILE B 27 -8.81 6.07 8.16
N ASP B 28 -7.59 5.59 7.91
CA ASP B 28 -7.32 4.70 6.76
C ASP B 28 -8.28 3.51 6.76
N THR B 29 -8.39 2.86 7.92
CA THR B 29 -9.25 1.68 8.06
C THR B 29 -10.71 2.03 7.80
N TYR B 30 -11.22 3.07 8.45
CA TYR B 30 -12.61 3.46 8.25
C TYR B 30 -12.90 3.81 6.79
N CYS B 31 -12.02 4.58 6.17
CA CYS B 31 -12.33 5.11 4.86
C CYS B 31 -11.95 4.19 3.71
N THR B 32 -11.37 3.02 4.01
CA THR B 32 -11.21 2.01 2.97
C THR B 32 -12.08 0.79 3.22
N GLN B 33 -12.63 0.63 4.43
CA GLN B 33 -13.51 -0.52 4.72
C GLN B 33 -14.99 -0.15 4.91
N LYS B 34 -15.27 1.07 5.38
CA LYS B 34 -16.65 1.42 5.74
C LYS B 34 -17.27 2.48 4.80
N GLU B 35 -16.64 3.66 4.73
CA GLU B 35 -17.15 4.72 3.86
C GLU B 35 -16.01 5.50 3.26
N TRP B 36 -15.95 5.57 1.93
CA TRP B 36 -14.95 6.38 1.25
C TRP B 36 -15.04 7.84 1.70
N ALA B 37 -13.89 8.49 1.83
CA ALA B 37 -13.89 9.95 2.08
C ALA B 37 -12.71 10.59 1.37
N MET B 38 -12.83 11.89 1.08
CA MET B 38 -11.87 12.56 0.20
C MET B 38 -10.55 12.95 0.87
N ASN B 39 -10.07 12.16 1.82
CA ASN B 39 -8.73 12.38 2.39
C ASN B 39 -7.63 12.12 1.34
N VAL B 40 -6.45 12.72 1.55
CA VAL B 40 -5.38 12.54 0.58
C VAL B 40 -5.01 11.04 0.52
N GLY B 41 -5.15 10.33 1.64
CA GLY B 41 -4.97 8.88 1.62
C GLY B 41 -3.56 8.41 1.89
N ASP B 42 -3.39 7.12 2.12
CA ASP B 42 -2.09 6.62 2.55
C ASP B 42 -1.05 6.68 1.43
N ALA B 43 -1.39 6.31 0.20
CA ALA B 43 -0.37 6.25 -0.86
C ALA B 43 0.22 7.63 -1.14
N LYS B 44 -0.66 8.58 -1.41
CA LYS B 44 -0.20 9.94 -1.68
C LYS B 44 0.33 10.56 -0.38
N GLY B 45 -0.19 10.11 0.76
CA GLY B 45 0.31 10.61 2.05
C GLY B 45 1.77 10.28 2.28
N GLN B 46 2.23 9.13 1.80
CA GLN B 46 3.65 8.78 1.93
C GLN B 46 4.52 9.77 1.16
N ILE B 47 4.04 10.21 0.00
CA ILE B 47 4.77 11.20 -0.80
C ILE B 47 4.81 12.55 -0.07
N MET B 48 3.67 12.94 0.49
CA MET B 48 3.58 14.16 1.28
C MET B 48 4.61 14.11 2.43
N ASP B 49 4.67 12.95 3.10
CA ASP B 49 5.59 12.77 4.22
C ASP B 49 7.02 13.03 3.78
N ALA B 50 7.36 12.48 2.62
CA ALA B 50 8.72 12.60 2.12
C ALA B 50 9.05 14.04 1.77
N VAL B 51 8.08 14.77 1.22
CA VAL B 51 8.30 16.18 0.91
C VAL B 51 8.52 16.98 2.20
N ILE B 52 7.70 16.73 3.22
CA ILE B 52 7.90 17.39 4.51
C ILE B 52 9.31 17.10 5.08
N ARG B 53 9.71 15.84 5.05
CA ARG B 53 11.04 15.52 5.58
C ARG B 53 12.17 16.14 4.76
N GLU B 54 11.98 16.26 3.45
CA GLU B 54 13.05 16.78 2.61
C GLU B 54 13.27 18.27 2.85
N TYR B 55 12.18 19.03 2.97
CA TYR B 55 12.32 20.48 3.07
C TYR B 55 12.21 21.06 4.48
N SER B 56 11.81 20.24 5.45
CA SER B 56 11.68 20.69 6.84
C SER B 56 11.10 22.09 7.01
N PRO B 57 9.89 22.33 6.48
CA PRO B 57 9.36 23.71 6.49
C PRO B 57 9.02 24.20 7.89
N SER B 58 9.31 25.49 8.17
CA SER B 58 8.92 26.05 9.45
C SER B 58 7.50 26.60 9.46
N LEU B 59 7.00 27.00 8.29
CA LEU B 59 5.62 27.52 8.17
C LEU B 59 4.96 26.92 6.96
N VAL B 60 3.89 26.17 7.19
CA VAL B 60 3.16 25.48 6.13
C VAL B 60 1.74 26.04 6.09
N LEU B 61 1.22 26.27 4.88
CA LEU B 61 -0.19 26.61 4.69
C LEU B 61 -0.90 25.46 3.96
N GLU B 62 -2.00 24.98 4.53
CA GLU B 62 -2.82 23.97 3.86
C GLU B 62 -4.13 24.60 3.41
N LEU B 63 -4.52 24.34 2.17
CA LEU B 63 -5.80 24.80 1.65
C LEU B 63 -6.73 23.60 1.58
N GLY B 64 -7.69 23.54 2.50
CA GLY B 64 -8.65 22.45 2.58
C GLY B 64 -8.30 21.44 3.66
N ALA B 65 -8.96 21.54 4.81
CA ALA B 65 -8.65 20.67 5.95
C ALA B 65 -9.49 19.39 6.01
N TYR B 66 -10.77 19.51 5.65
CA TYR B 66 -11.81 18.47 5.78
C TYR B 66 -11.91 17.92 7.21
N CYS B 67 -11.40 16.70 7.46
CA CYS B 67 -11.44 16.12 8.81
C CYS B 67 -10.14 16.16 9.57
N GLY B 68 -9.11 16.72 8.95
CA GLY B 68 -7.82 16.84 9.60
C GLY B 68 -6.79 15.78 9.28
N TYR B 69 -7.11 14.84 8.39
CA TYR B 69 -6.17 13.76 8.05
C TYR B 69 -4.81 14.31 7.58
N SER B 70 -4.82 15.16 6.54
CA SER B 70 -3.53 15.66 6.04
C SER B 70 -2.88 16.60 7.06
N ALA B 71 -3.68 17.29 7.87
CA ALA B 71 -3.09 18.13 8.90
C ALA B 71 -2.34 17.26 9.93
N VAL B 72 -2.94 16.15 10.33
CA VAL B 72 -2.24 15.21 11.23
C VAL B 72 -0.99 14.67 10.53
N ARG B 73 -1.09 14.29 9.25
CA ARG B 73 0.10 13.78 8.56
C ARG B 73 1.27 14.76 8.62
N MET B 74 1.00 16.02 8.28
CA MET B 74 2.06 17.02 8.23
C MET B 74 2.55 17.45 9.61
N ALA B 75 1.62 17.73 10.51
CA ALA B 75 1.99 18.27 11.82
C ALA B 75 2.82 17.24 12.61
N ARG B 76 2.58 15.94 12.42
CA ARG B 76 3.36 14.97 13.19
C ARG B 76 4.83 14.94 12.77
N LEU B 77 5.15 15.49 11.58
CA LEU B 77 6.53 15.49 11.06
C LEU B 77 7.22 16.85 11.15
N LEU B 78 6.52 17.85 11.66
CA LEU B 78 7.12 19.20 11.79
C LEU B 78 8.12 19.22 12.93
N GLN B 79 9.22 19.95 12.72
CA GLN B 79 10.27 20.10 13.71
C GLN B 79 9.84 21.06 14.81
N PRO B 80 10.59 21.09 15.93
CA PRO B 80 10.25 22.06 16.98
C PRO B 80 10.27 23.51 16.48
N GLY B 81 9.25 24.25 16.91
CA GLY B 81 9.08 25.62 16.48
C GLY B 81 8.32 25.81 15.19
N ALA B 82 8.05 24.72 14.45
CA ALA B 82 7.37 24.86 13.15
C ALA B 82 5.85 24.84 13.35
N ARG B 83 5.11 25.42 12.41
CA ARG B 83 3.67 25.50 12.55
C ARG B 83 2.93 25.33 11.22
N LEU B 84 1.71 24.85 11.33
CA LEU B 84 0.85 24.65 10.17
C LEU B 84 -0.38 25.54 10.32
N LEU B 85 -0.70 26.29 9.27
CA LEU B 85 -1.97 27.02 9.17
C LEU B 85 -2.85 26.23 8.22
N THR B 86 -4.11 25.96 8.58
CA THR B 86 -4.97 25.26 7.60
C THR B 86 -6.28 26.01 7.41
N MET B 87 -6.65 26.24 6.15
CA MET B 87 -7.86 27.00 5.86
C MET B 87 -9.00 26.06 5.49
N GLU B 88 -10.15 26.24 6.11
CA GLU B 88 -11.30 25.37 5.86
C GLU B 88 -12.58 26.22 5.89
N MET B 89 -13.28 26.29 4.75
CA MET B 89 -14.44 27.18 4.64
C MET B 89 -15.66 26.62 5.38
N ASN B 90 -15.75 25.29 5.47
CA ASN B 90 -16.92 24.63 6.05
C ASN B 90 -16.81 24.57 7.57
N PRO B 91 -17.73 25.25 8.29
CA PRO B 91 -17.55 25.32 9.75
C PRO B 91 -17.71 23.98 10.46
N ASP B 92 -18.51 23.09 9.90
CA ASP B 92 -18.70 21.78 10.49
C ASP B 92 -17.44 20.96 10.34
N TYR B 93 -16.82 21.06 9.17
CA TYR B 93 -15.57 20.35 8.94
C TYR B 93 -14.44 20.95 9.78
N ALA B 94 -14.43 22.28 9.92
CA ALA B 94 -13.39 22.91 10.73
C ALA B 94 -13.50 22.40 12.18
N ALA B 95 -14.73 22.20 12.66
CA ALA B 95 -14.92 21.71 14.03
C ALA B 95 -14.45 20.27 14.18
N ILE B 96 -14.75 19.43 13.20
CA ILE B 96 -14.24 18.04 13.23
C ILE B 96 -12.71 18.04 13.27
N THR B 97 -12.10 18.86 12.41
CA THR B 97 -10.65 18.93 12.35
C THR B 97 -10.05 19.32 13.69
N GLN B 98 -10.68 20.26 14.38
CA GLN B 98 -10.15 20.65 15.69
C GLN B 98 -10.21 19.47 16.68
N GLN B 99 -11.32 18.74 16.68
CA GLN B 99 -11.42 17.60 17.61
C GLN B 99 -10.40 16.51 17.25
N MET B 100 -10.16 16.35 15.96
CA MET B 100 -9.22 15.33 15.49
C MET B 100 -7.80 15.67 15.92
N LEU B 101 -7.41 16.94 15.75
CA LEU B 101 -6.09 17.39 16.18
C LEU B 101 -5.94 17.29 17.70
N ASN B 102 -7.01 17.64 18.42
CA ASN B 102 -6.98 17.53 19.90
C ASN B 102 -6.76 16.08 20.33
N PHE B 103 -7.45 15.15 19.67
CA PHE B 103 -7.31 13.74 20.03
C PHE B 103 -5.89 13.27 19.72
N ALA B 104 -5.34 13.69 18.59
CA ALA B 104 -4.01 13.28 18.20
C ALA B 104 -2.92 13.94 19.05
N GLY B 105 -3.30 14.98 19.79
CA GLY B 105 -2.35 15.78 20.59
C GLY B 105 -1.47 16.74 19.79
N LEU B 106 -1.94 17.16 18.61
CA LEU B 106 -1.18 18.04 17.72
C LEU B 106 -1.72 19.47 17.66
N GLN B 107 -2.65 19.80 18.55
CA GLN B 107 -3.35 21.09 18.45
C GLN B 107 -2.42 22.29 18.66
N ASP B 108 -1.29 22.09 19.32
CA ASP B 108 -0.43 23.23 19.60
C ASP B 108 0.47 23.56 18.41
N LYS B 109 0.43 22.71 17.37
CA LYS B 109 1.25 22.93 16.18
C LYS B 109 0.44 23.45 14.99
N VAL B 110 -0.88 23.47 15.13
CA VAL B 110 -1.77 23.78 14.03
C VAL B 110 -2.76 24.89 14.40
N THR B 111 -3.00 25.80 13.47
CA THR B 111 -4.01 26.82 13.64
C THR B 111 -5.03 26.69 12.53
N ILE B 112 -6.29 26.46 12.89
CA ILE B 112 -7.35 26.35 11.90
C ILE B 112 -7.95 27.72 11.61
N LEU B 113 -8.01 28.09 10.33
CA LEU B 113 -8.65 29.32 9.90
C LEU B 113 -9.98 29.00 9.22
N ASN B 114 -11.12 29.37 9.82
CA ASN B 114 -12.43 29.02 9.25
C ASN B 114 -12.93 30.11 8.31
N GLY B 115 -12.66 29.94 7.02
CA GLY B 115 -13.14 30.84 5.99
C GLY B 115 -12.59 30.36 4.64
N ALA B 116 -12.92 31.10 3.59
CA ALA B 116 -12.51 30.74 2.24
C ALA B 116 -11.14 31.33 1.92
N SER B 117 -10.32 30.54 1.25
CA SER B 117 -8.95 30.88 0.96
C SER B 117 -8.84 32.22 0.24
N GLN B 118 -9.76 32.50 -0.67
CA GLN B 118 -9.64 33.75 -1.46
C GLN B 118 -9.86 34.97 -0.57
N ASP B 119 -10.57 34.79 0.54
CA ASP B 119 -10.80 35.85 1.52
C ASP B 119 -9.68 35.93 2.56
N LEU B 120 -9.15 34.78 2.97
CA LEU B 120 -8.17 34.75 4.06
C LEU B 120 -6.71 34.97 3.61
N ILE B 121 -6.36 34.52 2.41
CA ILE B 121 -4.97 34.65 1.94
C ILE B 121 -4.48 36.12 2.02
N PRO B 122 -5.28 37.09 1.56
CA PRO B 122 -4.79 38.49 1.64
C PRO B 122 -4.68 39.01 3.06
N GLN B 123 -5.17 38.27 4.06
CA GLN B 123 -5.17 38.72 5.46
C GLN B 123 -4.08 38.09 6.30
N LEU B 124 -3.34 37.13 5.72
CA LEU B 124 -2.34 36.40 6.51
C LEU B 124 -1.25 37.32 7.09
N LYS B 125 -0.79 38.28 6.30
CA LYS B 125 0.29 39.11 6.79
C LYS B 125 -0.17 40.00 7.95
N LYS B 126 -1.39 40.50 7.89
CA LYS B 126 -1.87 41.43 8.91
C LYS B 126 -2.33 40.68 10.14
N LYS B 127 -3.01 39.54 9.94
CA LYS B 127 -3.60 38.84 11.07
C LYS B 127 -2.63 37.93 11.79
N TYR B 128 -1.61 37.42 11.09
CA TYR B 128 -0.65 36.50 11.72
C TYR B 128 0.81 36.93 11.54
N ASP B 129 1.01 38.14 11.04
CA ASP B 129 2.34 38.66 10.72
C ASP B 129 3.21 37.65 9.97
N VAL B 130 2.58 36.87 9.08
CA VAL B 130 3.32 36.03 8.14
C VAL B 130 4.19 36.93 7.27
N ASP B 131 5.41 36.50 7.00
CA ASP B 131 6.25 37.15 6.00
C ASP B 131 6.08 36.34 4.70
N THR B 132 6.79 35.23 4.58
CA THR B 132 6.51 34.30 3.50
C THR B 132 6.31 32.88 4.03
N LEU B 133 5.74 32.04 3.19
CA LEU B 133 5.47 30.64 3.50
C LEU B 133 6.59 29.72 3.03
N ASP B 134 6.88 28.64 3.76
CA ASP B 134 7.88 27.67 3.30
C ASP B 134 7.26 26.59 2.40
N MET B 135 5.99 26.29 2.63
CA MET B 135 5.32 25.23 1.87
C MET B 135 3.80 25.50 1.84
N VAL B 136 3.16 25.18 0.73
CA VAL B 136 1.71 25.23 0.60
C VAL B 136 1.21 23.89 0.10
N PHE B 137 0.22 23.31 0.77
CA PHE B 137 -0.46 22.10 0.28
C PHE B 137 -1.84 22.48 -0.26
N LEU B 138 -2.05 22.29 -1.56
CA LEU B 138 -3.32 22.63 -2.21
C LEU B 138 -4.16 21.37 -2.35
N ASP B 139 -5.35 21.39 -1.76
CA ASP B 139 -6.24 20.21 -1.79
C ASP B 139 -7.67 20.64 -1.55
N HIS B 140 -8.04 21.80 -2.08
CA HIS B 140 -9.41 22.29 -1.91
C HIS B 140 -10.19 22.10 -3.22
N TRP B 141 -11.20 22.92 -3.52
CA TRP B 141 -11.89 22.69 -4.78
C TRP B 141 -10.94 23.02 -5.94
N LYS B 142 -11.00 22.21 -6.99
CA LYS B 142 -9.86 22.16 -7.93
C LYS B 142 -9.83 23.40 -8.80
N ASP B 143 -10.97 24.08 -8.95
CA ASP B 143 -10.98 25.32 -9.71
C ASP B 143 -10.34 26.49 -8.98
N ARG B 144 -9.96 26.29 -7.72
CA ARG B 144 -9.32 27.37 -6.99
C ARG B 144 -7.79 27.25 -6.96
N TYR B 145 -7.21 26.17 -7.49
CA TYR B 145 -5.75 26.01 -7.35
C TYR B 145 -4.99 27.12 -8.06
N LEU B 146 -5.34 27.37 -9.32
CA LEU B 146 -4.66 28.41 -10.09
C LEU B 146 -4.94 29.81 -9.52
N PRO B 147 -6.22 30.17 -9.30
CA PRO B 147 -6.36 31.56 -8.81
C PRO B 147 -5.73 31.77 -7.44
N ASP B 148 -5.72 30.76 -6.55
CA ASP B 148 -5.08 30.98 -5.25
C ASP B 148 -3.56 31.04 -5.39
N THR B 149 -3.01 30.31 -6.36
CA THR B 149 -1.55 30.38 -6.60
C THR B 149 -1.22 31.79 -7.06
N LEU B 150 -2.04 32.35 -7.94
CA LEU B 150 -1.77 33.72 -8.40
C LEU B 150 -1.93 34.74 -7.27
N LEU B 151 -2.92 34.51 -6.42
CA LEU B 151 -3.17 35.38 -5.28
C LEU B 151 -2.04 35.32 -4.25
N LEU B 152 -1.52 34.12 -3.99
CA LEU B 152 -0.37 33.99 -3.09
C LEU B 152 0.83 34.78 -3.62
N GLU B 153 1.04 34.74 -4.93
CA GLU B 153 2.14 35.51 -5.51
C GLU B 153 1.91 37.02 -5.36
N LYS B 154 0.71 37.48 -5.75
CA LYS B 154 0.37 38.90 -5.71
C LYS B 154 0.51 39.48 -4.30
N CYS B 155 0.13 38.69 -3.30
CA CYS B 155 0.10 39.17 -1.93
C CYS B 155 1.46 39.07 -1.25
N GLY B 156 2.45 38.56 -1.97
CA GLY B 156 3.81 38.52 -1.46
C GLY B 156 4.09 37.40 -0.48
N LEU B 157 3.39 36.27 -0.62
CA LEU B 157 3.51 35.21 0.36
C LEU B 157 4.46 34.11 -0.06
N LEU B 158 4.97 34.20 -1.30
CA LEU B 158 5.93 33.22 -1.80
C LEU B 158 7.36 33.80 -1.81
N ARG B 159 8.34 32.98 -1.44
CA ARG B 159 9.76 33.33 -1.63
C ARG B 159 10.39 32.33 -2.59
N LYS B 160 11.57 32.67 -3.10
CA LYS B 160 12.32 31.68 -3.87
C LYS B 160 12.56 30.46 -3.00
N GLY B 161 12.09 29.29 -3.46
CA GLY B 161 12.22 28.10 -2.65
C GLY B 161 10.93 27.61 -2.00
N THR B 162 9.88 28.44 -1.98
CA THR B 162 8.60 28.01 -1.42
C THR B 162 8.10 26.81 -2.23
N VAL B 163 7.76 25.74 -1.53
CA VAL B 163 7.29 24.50 -2.17
C VAL B 163 5.78 24.46 -2.21
N LEU B 164 5.20 24.47 -3.41
CA LEU B 164 3.77 24.15 -3.60
C LEU B 164 3.62 22.68 -3.86
N LEU B 165 2.70 22.02 -3.15
CA LEU B 165 2.44 20.59 -3.36
C LEU B 165 0.94 20.46 -3.60
N ALA B 166 0.55 20.02 -4.80
CA ALA B 166 -0.87 20.00 -5.20
C ALA B 166 -1.40 18.58 -5.33
N ASP B 167 -2.48 18.28 -4.61
CA ASP B 167 -3.14 16.99 -4.76
C ASP B 167 -4.05 17.00 -6.00
N ASN B 168 -4.30 15.81 -6.54
CA ASN B 168 -5.36 15.59 -7.53
C ASN B 168 -5.11 16.22 -8.88
N VAL B 169 -3.84 16.30 -9.29
CA VAL B 169 -3.61 16.98 -10.55
C VAL B 169 -4.00 16.09 -11.74
N ILE B 170 -4.27 14.81 -11.51
CA ILE B 170 -4.79 13.92 -12.57
C ILE B 170 -6.30 13.66 -12.40
N VAL B 171 -6.70 13.22 -11.20
CA VAL B 171 -8.09 12.93 -10.84
C VAL B 171 -8.44 13.56 -9.48
N PRO B 172 -9.46 14.43 -9.43
CA PRO B 172 -10.31 14.90 -10.53
C PRO B 172 -9.60 15.71 -11.62
N GLY B 173 -8.39 16.20 -11.35
CA GLY B 173 -7.60 16.90 -12.36
C GLY B 173 -7.59 18.40 -12.19
N THR B 174 -6.44 19.02 -12.43
CA THR B 174 -6.30 20.47 -12.36
C THR B 174 -5.53 20.95 -13.60
N PRO B 175 -6.13 20.82 -14.78
CA PRO B 175 -5.35 21.07 -15.99
C PRO B 175 -4.88 22.53 -16.14
N ASP B 176 -5.68 23.53 -15.77
CA ASP B 176 -5.22 24.91 -15.89
C ASP B 176 -4.04 25.21 -14.96
N PHE B 177 -4.13 24.73 -13.72
CA PHE B 177 -3.04 24.90 -12.76
C PHE B 177 -1.77 24.27 -13.27
N LEU B 178 -1.90 23.03 -13.73
CA LEU B 178 -0.76 22.27 -14.18
C LEU B 178 -0.11 22.96 -15.39
N ALA B 179 -0.93 23.44 -16.33
CA ALA B 179 -0.40 24.12 -17.52
C ALA B 179 0.37 25.39 -17.12
N TYR B 180 -0.16 26.12 -16.13
CA TYR B 180 0.48 27.34 -15.65
C TYR B 180 1.82 27.08 -14.98
N VAL B 181 1.87 26.23 -13.97
CA VAL B 181 3.14 26.06 -13.24
C VAL B 181 4.19 25.36 -14.12
N ARG B 182 3.77 24.43 -14.97
CA ARG B 182 4.75 23.72 -15.80
C ARG B 182 5.28 24.68 -16.89
N GLY B 183 4.41 25.56 -17.39
CA GLY B 183 4.81 26.48 -18.43
C GLY B 183 5.62 27.68 -17.94
N SER B 184 5.43 28.05 -16.68
CA SER B 184 5.99 29.30 -16.18
C SER B 184 7.44 29.13 -15.68
N SER B 185 8.30 30.08 -16.04
CA SER B 185 9.66 30.10 -15.53
C SER B 185 9.70 30.38 -14.03
N SER B 186 8.57 30.81 -13.46
CA SER B 186 8.55 31.05 -12.02
C SER B 186 8.40 29.80 -11.16
N PHE B 187 8.18 28.64 -11.78
CA PHE B 187 8.03 27.39 -11.01
C PHE B 187 8.86 26.26 -11.61
N GLU B 188 9.62 25.56 -10.77
CA GLU B 188 10.28 24.31 -11.18
C GLU B 188 9.46 23.11 -10.69
N CYS B 189 9.00 22.28 -11.62
CA CYS B 189 7.98 21.28 -11.28
C CYS B 189 8.45 19.84 -11.33
N THR B 190 7.92 19.03 -10.42
CA THR B 190 8.18 17.60 -10.39
C THR B 190 6.85 16.87 -10.20
N HIS B 191 6.60 15.82 -10.99
CA HIS B 191 5.38 15.05 -10.82
C HIS B 191 5.61 13.77 -10.03
N TYR B 192 4.73 13.48 -9.08
CA TYR B 192 4.80 12.24 -8.31
C TYR B 192 3.55 11.42 -8.55
N SER B 193 3.66 10.39 -9.39
CA SER B 193 2.50 9.58 -9.74
C SER B 193 2.19 8.63 -8.61
N SER B 194 0.91 8.39 -8.38
CA SER B 194 0.47 7.58 -7.24
C SER B 194 -0.94 7.08 -7.55
N TYR B 195 -1.79 6.90 -6.52
CA TYR B 195 -3.14 6.33 -6.68
C TYR B 195 -4.10 6.98 -5.70
N LEU B 196 -5.38 7.04 -6.08
CA LEU B 196 -6.44 7.34 -5.13
C LEU B 196 -6.56 6.23 -4.08
N GLU B 197 -7.21 6.57 -2.99
CA GLU B 197 -7.52 5.63 -1.91
C GLU B 197 -8.96 5.17 -2.03
N LEU B 198 -9.22 4.08 -2.74
CA LEU B 198 -10.59 3.60 -2.91
C LEU B 198 -10.91 2.48 -1.92
N MET B 199 -12.12 1.97 -1.99
CA MET B 199 -12.55 0.94 -1.03
C MET B 199 -11.81 -0.36 -1.27
N LYS B 200 -11.52 -1.10 -0.20
CA LYS B 200 -10.75 -2.34 -0.31
C LYS B 200 -11.54 -3.50 0.27
N VAL B 201 -11.08 -4.72 -0.03
CA VAL B 201 -11.72 -5.95 0.46
C VAL B 201 -10.74 -6.62 1.42
N VAL B 202 -11.15 -6.80 2.66
CA VAL B 202 -10.28 -7.42 3.66
C VAL B 202 -10.07 -8.88 3.31
N ASP B 203 -8.83 -9.33 3.39
CA ASP B 203 -8.53 -10.77 3.33
C ASP B 203 -7.41 -10.99 4.32
N GLY B 204 -6.92 -12.22 4.47
CA GLY B 204 -5.79 -12.41 5.35
C GLY B 204 -5.11 -13.74 5.11
N LEU B 205 -3.91 -13.87 5.65
CA LEU B 205 -3.17 -15.13 5.61
C LEU B 205 -3.26 -15.78 6.97
N GLU B 206 -3.21 -17.10 6.99
CA GLU B 206 -3.06 -17.80 8.27
C GLU B 206 -1.70 -18.47 8.31
N LYS B 207 -0.96 -18.25 9.39
CA LYS B 207 0.29 -18.97 9.62
C LYS B 207 -0.04 -20.08 10.59
N ALA B 208 0.21 -21.31 10.20
CA ALA B 208 -0.09 -22.45 11.07
C ALA B 208 1.19 -23.25 11.20
N ILE B 209 1.80 -23.25 12.38
CA ILE B 209 3.06 -23.96 12.57
C ILE B 209 2.82 -25.37 13.13
N TYR B 210 3.30 -26.37 12.42
CA TYR B 210 3.05 -27.77 12.78
C TYR B 210 3.80 -28.15 14.03
N GLN B 211 3.13 -28.90 14.90
CA GLN B 211 3.69 -29.27 16.21
C GLN B 211 3.98 -30.76 16.32
N GLY B 212 3.39 -31.55 15.42
CA GLY B 212 3.47 -32.99 15.47
C GLY B 212 2.09 -33.57 15.59
N PRO B 213 1.95 -34.89 15.41
CA PRO B 213 0.65 -35.58 15.48
C PRO B 213 -0.08 -35.38 16.81
C1 DNC C . -6.89 -15.02 -4.65
O1 DNC C . -5.77 -14.63 -3.94
C2 DNC C . -6.96 -16.32 -5.09
O2 DNC C . -5.91 -17.16 -4.79
C3 DNC C . -8.07 -16.76 -5.78
N1 DNC C . -8.16 -18.11 -6.24
O3 DNC C . -9.26 -18.54 -6.78
O4 DNC C . -7.16 -18.92 -6.15
C4 DNC C . -9.13 -15.91 -6.04
C5 DNC C . -9.06 -14.59 -5.60
N2 DNC C . -10.16 -13.71 -5.82
O5 DNC C . -10.15 -12.55 -5.27
O6 DNC C . -11.22 -14.10 -6.47
C6 DNC C . -7.94 -14.14 -4.89
MG MG D . -4.56 -16.23 -3.43
N SAM E . 0.52 -18.23 -5.81
CA SAM E . 0.31 -17.50 -7.04
C SAM E . 0.80 -16.10 -6.82
O SAM E . 1.40 -15.53 -7.75
OXT SAM E . 0.60 -15.52 -5.74
CB SAM E . -1.17 -17.45 -7.46
CG SAM E . -1.71 -18.88 -7.73
SD SAM E . -3.41 -18.81 -8.31
CE SAM E . -4.29 -17.92 -7.05
C5' SAM E . -4.09 -20.49 -8.15
C4' SAM E . -3.35 -21.60 -8.92
O4' SAM E . -3.43 -22.94 -8.48
C3' SAM E . -3.76 -21.72 -10.36
O3' SAM E . -2.66 -21.42 -11.16
C2' SAM E . -4.28 -23.13 -10.55
O2' SAM E . -4.13 -23.64 -11.82
C1' SAM E . -3.51 -23.89 -9.53
N9 SAM E . -4.08 -25.11 -8.94
C8 SAM E . -5.34 -25.27 -8.41
N7 SAM E . -5.51 -26.47 -7.82
C5 SAM E . -4.27 -27.12 -7.95
C6 SAM E . -3.80 -28.38 -7.54
N6 SAM E . -4.65 -29.28 -6.87
N1 SAM E . -2.51 -28.68 -7.82
C2 SAM E . -1.72 -27.84 -8.48
N3 SAM E . -2.11 -26.65 -8.91
C4 SAM E . -3.36 -26.25 -8.66
BR BR F . -6.56 -26.64 -14.84
C1 DNC G . -9.62 13.97 -3.73
O1 DNC G . -8.36 13.75 -3.23
C2 DNC G . -10.20 15.21 -3.58
O2 DNC G . -9.48 16.18 -2.94
C3 DNC G . -11.47 15.47 -4.08
N1 DNC G . -12.07 16.76 -3.92
O3 DNC G . -13.25 16.98 -4.41
O4 DNC G . -11.47 17.69 -3.27
C4 DNC G . -12.16 14.48 -4.74
C5 DNC G . -11.58 13.24 -4.90
N2 DNC G . -12.29 12.23 -5.63
O5 DNC G . -11.74 11.07 -5.87
O6 DNC G . -13.47 12.50 -6.11
C6 DNC G . -10.31 12.96 -4.40
MG MG H . -7.41 15.52 -2.63
N SAM I . -6.58 17.90 2.69
CA SAM I . -7.59 17.11 3.37
C SAM I . -6.98 15.76 3.71
O SAM I . -7.25 15.19 4.80
OXT SAM I . -6.18 15.20 2.92
CB SAM I . -8.81 16.87 2.49
CG SAM I . -9.45 18.20 2.07
SD SAM I . -10.97 17.91 1.11
CE SAM I . -10.41 16.97 -0.28
C5' SAM I . -11.51 19.51 0.43
C4' SAM I . -11.86 20.63 1.42
O4' SAM I . -11.70 21.98 1.05
C3' SAM I . -13.30 20.62 1.85
O3' SAM I . -13.33 20.30 3.21
C2' SAM I . -13.90 21.96 1.52
O2' SAM I . -14.89 22.40 2.42
C1' SAM I . -12.69 22.86 1.56
N9 SAM I . -12.69 24.02 0.66
C8 SAM I . -13.03 24.07 -0.66
N7 SAM I . -12.77 25.25 -1.23
C5 SAM I . -12.19 26.01 -0.21
C6 SAM I . -11.69 27.33 -0.12
N6 SAM I . -11.74 28.15 -1.24
N1 SAM I . -11.18 27.75 1.03
C2 SAM I . -11.15 26.95 2.09
N3 SAM I . -11.60 25.72 2.10
C4 SAM I . -12.12 25.23 0.98
#